data_5XTU
#
_entry.id   5XTU
#
_cell.length_a   49.182
_cell.length_b   66.461
_cell.length_c   105.468
_cell.angle_alpha   90.000
_cell.angle_beta   90.000
_cell.angle_gamma   90.000
#
_symmetry.space_group_name_H-M   'P 21 21 21'
#
loop_
_entity.id
_entity.type
_entity.pdbx_description
1 polymer 'GDSL-family esterase'
2 non-polymer DI(HYDROXYETHYL)ETHER
3 non-polymer 'CHLORIDE ION'
4 non-polymer 'CACODYLATE ION'
5 non-polymer 'CALCIUM ION'
6 non-polymer 1,2-ETHANEDIOL
7 non-polymer 'PHOSPHATE ION'
8 water water
#
_entity_poly.entity_id   1
_entity_poly.type   'polypeptide(L)'
_entity_poly.pdbx_seq_one_letter_code
;GSGMKETAAAKFERQHMDSPDLGTDDDDKAMVAEFDRITNFGDSLSDIGNKHMITVDMNQATSGKIGIRADKPNFDGRFS
NGPVWTEYLAGFLAKPAPVRGHGEIDSQVVLKDQAGKQITYHYHHNALPGTNWAVGGAMSGLGNFLDIDAANGFTAKSGL
DVLTNTGQQIKLRIANKGQFTGNELVSYMSGTNNLWFTLFGDLDQTGNKAAGFALTDIETLIDAGAKQVLAANIPDFVDA
PWFAGQQKKTTRFIQSHNQALKAGLDQLAAAHPDVEIYYFDAFDLFNKVSNEVKTKGKYQDKELAITLTNVTGEAYSYAT
GKVIAQPNRNLFWDGLHPTTAMHKIMAKEAASLVISGRTL
;
_entity_poly.pdbx_strand_id   A
#
loop_
_chem_comp.id
_chem_comp.type
_chem_comp.name
_chem_comp.formula
CA non-polymer 'CALCIUM ION' 'Ca 2'
CAC non-polymer 'CACODYLATE ION' 'C2 H6 As O2 -1'
CL non-polymer 'CHLORIDE ION' 'Cl -1'
EDO non-polymer 1,2-ETHANEDIOL 'C2 H6 O2'
PEG non-polymer DI(HYDROXYETHYL)ETHER 'C4 H10 O3'
PO4 non-polymer 'PHOSPHATE ION' 'O4 P -3'
#
# COMPACT_ATOMS: atom_id res chain seq x y z
N ALA A 33 -26.01 10.48 0.42
CA ALA A 33 -24.67 9.85 0.21
C ALA A 33 -24.43 9.64 -1.31
N GLU A 34 -23.23 9.95 -1.80
CA GLU A 34 -22.91 9.73 -3.19
C GLU A 34 -22.32 8.32 -3.29
N PHE A 35 -21.93 7.77 -2.14
CA PHE A 35 -21.39 6.36 -2.12
C PHE A 35 -21.74 5.67 -0.83
N ASP A 36 -21.82 4.37 -0.81
CA ASP A 36 -22.13 3.64 0.38
C ASP A 36 -21.09 2.64 0.80
N ARG A 37 -20.01 2.53 0.00
CA ARG A 37 -18.98 1.56 0.28
C ARG A 37 -17.66 2.06 -0.32
N ILE A 38 -16.55 1.47 0.16
CA ILE A 38 -15.23 1.90 -0.30
C ILE A 38 -14.50 0.68 -0.80
N THR A 39 -13.79 0.81 -1.91
CA THR A 39 -12.94 -0.25 -2.49
C THR A 39 -11.57 0.28 -2.42
N ASN A 40 -10.56 -0.53 -2.04
CA ASN A 40 -9.16 -0.06 -1.97
C ASN A 40 -8.24 -0.83 -2.84
N PHE A 41 -7.30 -0.18 -3.49
CA PHE A 41 -6.24 -0.79 -4.28
C PHE A 41 -4.93 -0.21 -3.86
N GLY A 42 -3.88 -1.03 -3.86
CA GLY A 42 -2.55 -0.54 -3.52
C GLY A 42 -1.63 -1.52 -2.87
N ASP A 43 -0.81 -1.01 -1.94
CA ASP A 43 0.39 -1.67 -1.42
C ASP A 43 0.30 -1.75 0.08
N SER A 44 1.44 -1.94 0.73
CA SER A 44 1.53 -2.06 2.21
C SER A 44 0.99 -0.87 2.97
N LEU A 45 0.86 0.29 2.31
CA LEU A 45 0.24 1.42 3.04
C LEU A 45 -1.21 1.16 3.25
N SER A 46 -1.85 0.38 2.35
CA SER A 46 -3.29 0.11 2.36
C SER A 46 -3.72 -1.25 2.79
N ASP A 47 -2.80 -2.23 2.69
CA ASP A 47 -3.16 -3.70 2.90
C ASP A 47 -3.55 -3.96 4.32
N ILE A 48 -4.64 -4.69 4.50
CA ILE A 48 -5.09 -5.11 5.82
C ILE A 48 -4.81 -6.58 6.12
N GLY A 49 -3.97 -7.23 5.32
CA GLY A 49 -3.49 -8.55 5.63
C GLY A 49 -3.29 -9.50 4.49
N ASN A 50 -3.46 -9.13 3.22
CA ASN A 50 -3.25 -10.05 2.10
C ASN A 50 -1.87 -10.63 2.06
N LYS A 51 -0.82 -9.82 2.12
CA LYS A 51 0.51 -10.35 2.03
C LYS A 51 0.79 -11.30 3.14
N HIS A 52 0.42 -10.88 4.37
CA HIS A 52 0.56 -11.72 5.56
C HIS A 52 -0.14 -13.08 5.32
N MET A 53 -1.45 -13.04 5.07
CA MET A 53 -2.26 -14.28 5.05
C MET A 53 -1.91 -15.16 3.87
N ILE A 54 -1.47 -14.66 2.78
CA ILE A 54 -1.07 -15.52 1.67
C ILE A 54 0.26 -16.18 2.06
N THR A 55 1.19 -15.54 2.74
CA THR A 55 2.44 -16.23 3.17
C THR A 55 2.13 -17.20 4.27
N VAL A 56 1.27 -16.94 5.22
CA VAL A 56 0.84 -17.96 6.25
C VAL A 56 0.29 -19.19 5.53
N ASP A 57 -0.62 -19.01 4.60
CA ASP A 57 -1.30 -20.14 3.99
C ASP A 57 -0.30 -20.92 3.10
N MET A 58 0.62 -20.25 2.38
CA MET A 58 1.64 -20.95 1.60
C MET A 58 2.60 -21.65 2.49
N ASN A 59 2.95 -21.11 3.65
CA ASN A 59 3.81 -21.83 4.60
C ASN A 59 3.07 -23.08 5.08
N GLN A 60 1.80 -23.05 5.35
CA GLN A 60 1.09 -24.24 5.83
C GLN A 60 1.11 -25.21 4.67
N ALA A 61 0.84 -24.80 3.46
CA ALA A 61 0.72 -25.74 2.33
C ALA A 61 1.96 -26.41 1.96
N THR A 62 3.09 -25.85 2.27
CA THR A 62 4.42 -26.38 1.94
C THR A 62 5.02 -27.01 3.23
N SER A 63 4.27 -27.11 4.30
CA SER A 63 4.77 -27.70 5.54
C SER A 63 6.00 -27.00 6.06
N GLY A 64 5.95 -25.64 6.08
CA GLY A 64 6.96 -24.84 6.75
C GLY A 64 8.01 -24.22 5.91
N LYS A 65 7.84 -24.06 4.58
CA LYS A 65 8.90 -23.71 3.74
C LYS A 65 8.78 -22.35 3.08
N ILE A 66 7.87 -21.54 3.65
CA ILE A 66 7.69 -20.14 3.13
C ILE A 66 7.81 -19.17 4.27
N GLY A 67 8.57 -18.11 4.02
CA GLY A 67 8.71 -17.05 5.04
C GLY A 67 7.46 -16.21 5.18
N ILE A 68 7.13 -15.90 6.41
CA ILE A 68 5.92 -15.17 6.71
C ILE A 68 6.18 -13.70 6.73
N ARG A 69 5.40 -12.89 6.01
CA ARG A 69 5.55 -11.44 5.99
C ARG A 69 4.58 -10.83 6.93
N ALA A 70 4.98 -9.66 7.45
CA ALA A 70 4.18 -8.98 8.41
C ALA A 70 3.82 -9.77 9.64
N ASP A 71 4.80 -10.51 10.16
CA ASP A 71 4.69 -11.28 11.36
C ASP A 71 4.77 -10.38 12.56
N LYS A 72 4.47 -10.90 13.73
CA LYS A 72 4.65 -10.13 14.96
C LYS A 72 6.04 -9.62 15.02
N PRO A 73 6.24 -8.35 15.48
CA PRO A 73 5.30 -7.51 16.23
C PRO A 73 4.46 -6.56 15.40
N ASN A 74 4.46 -6.75 14.06
CA ASN A 74 3.45 -6.10 13.24
C ASN A 74 2.09 -6.52 13.65
N PHE A 75 1.13 -5.61 13.58
CA PHE A 75 -0.18 -5.84 14.08
C PHE A 75 -1.10 -6.55 13.13
N ASP A 76 -1.45 -7.80 13.44
N ASP A 76 -1.54 -7.77 13.45
CA ASP A 76 -2.45 -8.52 12.79
CA ASP A 76 -2.56 -8.51 12.69
C ASP A 76 -2.30 -8.51 11.28
C ASP A 76 -2.33 -8.54 11.20
N GLY A 77 -1.07 -8.72 10.82
CA GLY A 77 -0.79 -8.82 9.38
C GLY A 77 -0.70 -7.51 8.64
N ARG A 78 -0.92 -6.38 9.29
CA ARG A 78 -0.64 -5.05 8.71
C ARG A 78 0.85 -4.73 8.85
N PHE A 79 1.36 -3.95 7.90
CA PHE A 79 2.70 -3.40 7.97
C PHE A 79 2.71 -2.14 8.84
N SER A 80 2.37 -2.31 10.12
CA SER A 80 2.24 -1.25 11.07
C SER A 80 2.05 -1.82 12.42
N ASN A 81 1.90 -0.98 13.43
CA ASN A 81 1.58 -1.38 14.83
C ASN A 81 0.15 -1.25 15.17
N GLY A 82 -0.73 -1.05 14.20
CA GLY A 82 -2.15 -0.94 14.40
C GLY A 82 -2.84 -0.88 13.04
N PRO A 83 -4.10 -0.49 13.03
CA PRO A 83 -4.82 -0.33 11.79
C PRO A 83 -4.09 0.63 10.85
N VAL A 84 -4.33 0.39 9.56
CA VAL A 84 -3.82 1.27 8.52
C VAL A 84 -4.83 2.27 8.04
N TRP A 85 -4.43 3.18 7.13
CA TRP A 85 -5.28 4.37 6.89
C TRP A 85 -6.59 4.01 6.26
N THR A 86 -6.62 2.94 5.46
CA THR A 86 -7.93 2.50 4.81
C THR A 86 -8.90 2.08 5.86
N GLU A 87 -8.49 1.63 7.04
CA GLU A 87 -9.43 1.23 8.10
C GLU A 87 -9.95 2.50 8.76
N TYR A 88 -9.05 3.40 9.14
CA TYR A 88 -9.49 4.65 9.73
C TYR A 88 -10.36 5.42 8.77
N LEU A 89 -10.09 5.35 7.49
CA LEU A 89 -10.85 6.11 6.47
C LEU A 89 -12.28 5.70 6.50
N ALA A 90 -12.56 4.40 6.56
CA ALA A 90 -13.96 3.93 6.56
C ALA A 90 -14.65 4.44 7.83
N GLY A 91 -13.98 4.49 8.96
CA GLY A 91 -14.60 5.05 10.18
C GLY A 91 -14.90 6.48 10.01
N PHE A 92 -13.96 7.28 9.52
CA PHE A 92 -14.21 8.71 9.38
C PHE A 92 -15.26 9.04 8.35
N LEU A 93 -15.48 8.21 7.37
CA LEU A 93 -16.55 8.42 6.38
C LEU A 93 -17.82 7.68 6.72
N ALA A 94 -17.85 6.90 7.81
CA ALA A 94 -18.99 6.12 8.25
C ALA A 94 -19.45 5.21 7.17
N LYS A 95 -18.52 4.44 6.64
CA LYS A 95 -18.79 3.37 5.70
C LYS A 95 -18.31 2.03 6.24
N PRO A 96 -18.75 0.94 5.67
CA PRO A 96 -18.27 -0.32 6.20
C PRO A 96 -16.75 -0.50 6.19
N ALA A 97 -16.24 -1.14 7.19
CA ALA A 97 -14.82 -1.46 7.31
C ALA A 97 -14.36 -2.23 6.16
N PRO A 98 -13.10 -2.10 5.77
CA PRO A 98 -12.55 -2.90 4.65
C PRO A 98 -12.54 -4.37 4.97
N VAL A 99 -12.71 -5.18 3.93
CA VAL A 99 -12.58 -6.65 4.05
C VAL A 99 -11.58 -7.08 3.03
N ARG A 100 -10.61 -7.95 3.32
CA ARG A 100 -9.64 -8.34 2.36
C ARG A 100 -10.14 -8.96 1.17
N GLY A 101 -9.70 -8.63 0.01
CA GLY A 101 -10.07 -9.33 -1.22
C GLY A 101 -8.89 -9.72 -2.04
N HIS A 102 -9.02 -10.85 -2.79
CA HIS A 102 -8.09 -11.22 -3.75
C HIS A 102 -8.76 -12.27 -4.74
N GLY A 103 -8.04 -12.51 -5.80
CA GLY A 103 -8.51 -13.48 -6.82
C GLY A 103 -8.03 -14.87 -6.48
N GLU A 104 -8.43 -15.77 -7.38
CA GLU A 104 -7.95 -17.15 -7.20
C GLU A 104 -6.45 -17.23 -7.36
N ILE A 105 -5.82 -18.03 -6.48
CA ILE A 105 -4.39 -18.25 -6.60
C ILE A 105 -4.15 -19.72 -6.99
N ASP A 106 -3.31 -19.93 -7.95
CA ASP A 106 -3.04 -21.32 -8.36
C ASP A 106 -1.64 -21.35 -8.88
N SER A 107 -0.72 -22.07 -8.17
CA SER A 107 0.66 -22.07 -8.58
C SER A 107 1.34 -23.40 -8.26
N GLN A 108 2.29 -23.77 -9.09
CA GLN A 108 3.17 -24.85 -8.80
C GLN A 108 4.44 -24.27 -8.11
N VAL A 109 4.50 -24.51 -6.81
CA VAL A 109 5.60 -24.09 -5.97
C VAL A 109 6.79 -25.03 -6.14
N VAL A 110 7.87 -24.63 -6.68
CA VAL A 110 9.00 -25.47 -6.88
C VAL A 110 10.13 -25.01 -6.05
N LEU A 111 10.56 -25.81 -5.10
CA LEU A 111 11.62 -25.47 -4.18
C LEU A 111 12.81 -26.37 -4.41
N LYS A 112 13.98 -25.99 -3.97
CA LYS A 112 15.13 -26.83 -3.99
C LYS A 112 15.67 -26.97 -2.62
N ASP A 113 16.00 -28.22 -2.22
CA ASP A 113 16.64 -28.46 -0.91
C ASP A 113 18.13 -28.12 -0.98
N GLN A 114 18.78 -28.40 0.15
CA GLN A 114 20.21 -28.27 0.30
C GLN A 114 21.00 -28.91 -0.82
N ALA A 115 20.69 -30.18 -1.10
CA ALA A 115 21.41 -30.98 -2.07
C ALA A 115 21.05 -30.71 -3.51
N GLY A 116 20.24 -29.65 -3.77
CA GLY A 116 19.78 -29.27 -5.10
C GLY A 116 18.54 -30.02 -5.62
N LYS A 117 17.95 -30.91 -4.79
CA LYS A 117 16.79 -31.72 -5.25
C LYS A 117 15.54 -30.88 -5.25
N GLN A 118 14.74 -30.97 -6.26
CA GLN A 118 13.51 -30.25 -6.39
C GLN A 118 12.41 -30.93 -5.59
N ILE A 119 11.63 -30.15 -4.92
CA ILE A 119 10.41 -30.58 -4.34
C ILE A 119 9.33 -29.64 -4.78
N THR A 120 8.10 -30.11 -4.87
N THR A 120 8.11 -30.11 -4.83
CA THR A 120 7.03 -29.34 -5.43
CA THR A 120 7.04 -29.31 -5.36
C THR A 120 5.74 -29.46 -4.70
C THR A 120 5.79 -29.44 -4.56
N TYR A 121 4.98 -28.37 -4.58
CA TYR A 121 3.67 -28.37 -4.02
C TYR A 121 2.71 -27.63 -4.90
N HIS A 122 1.54 -28.14 -5.17
CA HIS A 122 0.54 -27.36 -5.94
C HIS A 122 -0.25 -26.54 -4.96
N TYR A 123 -0.03 -25.22 -4.99
CA TYR A 123 -0.68 -24.30 -4.09
C TYR A 123 -1.95 -23.78 -4.78
N HIS A 124 -3.03 -23.80 -4.03
CA HIS A 124 -4.30 -23.18 -4.43
C HIS A 124 -4.99 -22.52 -3.30
N HIS A 125 -5.60 -21.35 -3.66
CA HIS A 125 -6.55 -20.68 -2.81
C HIS A 125 -7.64 -20.09 -3.65
N ASN A 126 -8.86 -20.35 -3.19
CA ASN A 126 -10.02 -19.80 -3.85
C ASN A 126 -10.01 -18.26 -3.78
N ALA A 127 -10.70 -17.67 -4.71
CA ALA A 127 -10.92 -16.20 -4.71
C ALA A 127 -11.57 -15.82 -3.42
N LEU A 128 -11.19 -14.63 -2.95
CA LEU A 128 -11.67 -14.18 -1.61
C LEU A 128 -12.44 -12.91 -1.85
N PRO A 129 -13.75 -13.02 -1.58
CA PRO A 129 -14.55 -11.85 -1.80
C PRO A 129 -14.13 -10.76 -0.75
N GLY A 130 -13.93 -9.55 -1.30
CA GLY A 130 -13.79 -8.45 -0.40
C GLY A 130 -13.68 -7.16 -1.18
N THR A 131 -13.26 -6.14 -0.41
CA THR A 131 -13.24 -4.77 -0.86
C THR A 131 -11.85 -4.11 -0.83
N ASN A 132 -10.91 -4.65 -0.03
CA ASN A 132 -9.59 -4.13 0.02
C ASN A 132 -8.63 -5.09 -0.62
N TRP A 133 -8.28 -4.76 -1.85
CA TRP A 133 -7.49 -5.64 -2.71
C TRP A 133 -6.03 -5.38 -2.64
N ALA A 134 -5.64 -4.38 -1.80
CA ALA A 134 -4.24 -4.04 -1.70
C ALA A 134 -3.39 -5.21 -1.12
N VAL A 135 -2.13 -5.20 -1.49
CA VAL A 135 -1.13 -6.19 -1.08
C VAL A 135 0.22 -5.61 -0.91
N GLY A 136 0.87 -5.88 0.19
CA GLY A 136 2.22 -5.43 0.31
C GLY A 136 3.10 -5.80 -0.83
N GLY A 137 3.95 -4.90 -1.27
CA GLY A 137 4.84 -5.11 -2.39
C GLY A 137 4.33 -4.66 -3.73
N ALA A 138 3.01 -4.42 -3.88
CA ALA A 138 2.46 -4.14 -5.19
C ALA A 138 2.97 -2.86 -5.81
N MET A 139 3.39 -2.93 -7.09
N MET A 139 3.17 -2.91 -7.14
CA MET A 139 3.68 -1.77 -7.98
CA MET A 139 3.59 -1.75 -7.88
C MET A 139 2.43 -1.32 -8.75
C MET A 139 2.41 -1.30 -8.77
N SER A 140 2.45 -0.05 -9.18
CA SER A 140 1.53 0.44 -10.17
C SER A 140 1.83 -0.33 -11.49
N GLY A 141 0.77 -0.73 -12.16
CA GLY A 141 0.92 -1.53 -13.40
C GLY A 141 0.23 -2.86 -13.21
N LEU A 142 0.27 -3.61 -14.33
CA LEU A 142 -0.33 -4.95 -14.37
C LEU A 142 0.62 -6.08 -13.97
N GLY A 143 0.04 -7.26 -13.94
CA GLY A 143 0.86 -8.49 -13.73
C GLY A 143 1.04 -8.86 -12.28
N ASN A 144 1.61 -10.02 -12.07
CA ASN A 144 2.01 -10.50 -10.79
C ASN A 144 3.41 -10.11 -10.51
N PHE A 145 3.87 -10.29 -9.25
CA PHE A 145 5.22 -9.97 -8.85
C PHE A 145 5.71 -10.99 -7.82
N LEU A 146 6.98 -11.05 -7.71
CA LEU A 146 7.69 -11.92 -6.83
C LEU A 146 8.19 -11.21 -5.63
N ASP A 147 7.73 -11.46 -4.42
CA ASP A 147 8.17 -10.90 -3.20
C ASP A 147 7.77 -11.73 -1.97
N ILE A 148 8.04 -13.03 -2.18
CA ILE A 148 7.88 -14.07 -1.17
C ILE A 148 9.15 -14.94 -1.20
N ASP A 149 9.58 -15.32 -0.06
CA ASP A 149 10.81 -16.05 0.13
C ASP A 149 10.50 -17.47 0.65
N ALA A 150 11.36 -18.41 0.24
CA ALA A 150 11.37 -19.72 0.88
C ALA A 150 11.91 -19.65 2.27
N ALA A 151 11.75 -20.67 3.05
CA ALA A 151 12.21 -20.75 4.42
C ALA A 151 12.74 -22.18 4.69
N ASN A 152 13.20 -22.37 5.93
CA ASN A 152 13.69 -23.68 6.36
C ASN A 152 14.80 -24.24 5.55
N GLY A 153 15.62 -23.41 4.94
CA GLY A 153 16.79 -23.82 4.19
C GLY A 153 16.54 -24.11 2.74
N PHE A 154 15.31 -24.01 2.27
CA PHE A 154 15.01 -24.21 0.90
C PHE A 154 15.25 -22.94 0.09
N THR A 155 15.48 -23.10 -1.16
CA THR A 155 15.50 -22.01 -2.09
C THR A 155 14.36 -22.17 -3.03
N ALA A 156 13.79 -21.10 -3.54
CA ALA A 156 12.66 -21.15 -4.43
C ALA A 156 13.05 -21.11 -5.86
N LYS A 157 12.68 -22.03 -6.71
CA LYS A 157 12.94 -21.95 -8.13
C LYS A 157 11.86 -21.24 -8.86
N SER A 158 10.60 -21.55 -8.60
CA SER A 158 9.48 -20.92 -9.27
C SER A 158 8.21 -21.12 -8.50
N GLY A 159 7.21 -20.41 -8.93
CA GLY A 159 5.92 -20.52 -8.38
C GLY A 159 5.51 -19.65 -7.20
N LEU A 160 6.42 -18.74 -6.83
CA LEU A 160 6.08 -17.83 -5.67
C LEU A 160 5.58 -16.48 -6.15
N ASP A 161 5.51 -16.27 -7.45
CA ASP A 161 5.03 -14.99 -8.01
C ASP A 161 3.51 -14.92 -8.01
N VAL A 162 2.88 -15.03 -6.87
CA VAL A 162 1.42 -15.17 -6.75
C VAL A 162 0.74 -13.84 -6.33
N LEU A 163 1.55 -12.83 -6.03
CA LEU A 163 1.04 -11.53 -5.57
C LEU A 163 0.79 -10.66 -6.80
N THR A 164 -0.14 -9.72 -6.67
CA THR A 164 -0.65 -8.95 -7.77
C THR A 164 -0.35 -7.43 -7.71
N ASN A 165 0.17 -6.87 -8.75
CA ASN A 165 0.39 -5.44 -8.85
C ASN A 165 -0.94 -4.72 -8.80
N THR A 166 -0.87 -3.41 -8.54
CA THR A 166 -2.08 -2.65 -8.30
C THR A 166 -3.08 -2.69 -9.44
N GLY A 167 -2.56 -2.59 -10.63
CA GLY A 167 -3.42 -2.68 -11.84
C GLY A 167 -3.98 -4.08 -12.00
N GLN A 168 -3.22 -5.09 -11.59
CA GLN A 168 -3.69 -6.47 -11.62
C GLN A 168 -4.80 -6.67 -10.64
N GLN A 169 -4.70 -6.06 -9.43
CA GLN A 169 -5.78 -6.07 -8.50
C GLN A 169 -7.08 -5.56 -9.11
N ILE A 170 -6.94 -4.46 -9.84
CA ILE A 170 -8.14 -3.82 -10.48
C ILE A 170 -8.77 -4.86 -11.50
N LYS A 171 -7.89 -5.41 -12.30
CA LYS A 171 -8.30 -6.39 -13.32
C LYS A 171 -9.00 -7.54 -12.64
N LEU A 172 -8.48 -8.09 -11.55
CA LEU A 172 -9.09 -9.14 -10.84
C LEU A 172 -10.32 -8.81 -10.15
N ARG A 173 -10.44 -7.58 -9.60
CA ARG A 173 -11.67 -7.19 -9.00
C ARG A 173 -12.79 -7.15 -10.06
N ILE A 174 -12.51 -6.59 -11.17
CA ILE A 174 -13.54 -6.54 -12.26
C ILE A 174 -13.91 -7.94 -12.71
N ALA A 175 -12.95 -8.83 -12.73
CA ALA A 175 -13.25 -10.21 -13.17
C ALA A 175 -14.08 -10.82 -12.19
N ASN A 176 -13.92 -10.66 -10.94
CA ASN A 176 -14.59 -11.32 -9.89
C ASN A 176 -15.89 -10.72 -9.48
N LYS A 177 -16.00 -9.37 -9.52
CA LYS A 177 -17.11 -8.63 -8.95
C LYS A 177 -17.79 -7.70 -9.95
N GLY A 178 -17.33 -7.75 -11.19
CA GLY A 178 -17.89 -6.91 -12.23
C GLY A 178 -17.46 -5.48 -12.21
N GLN A 179 -18.02 -4.71 -13.06
CA GLN A 179 -17.73 -3.24 -13.15
C GLN A 179 -18.30 -2.51 -11.94
N PHE A 180 -17.77 -1.29 -11.75
CA PHE A 180 -18.23 -0.46 -10.69
C PHE A 180 -19.60 0.10 -11.01
N THR A 181 -20.39 0.26 -9.97
CA THR A 181 -21.76 0.76 -10.24
C THR A 181 -21.95 2.23 -9.96
N GLY A 182 -20.95 2.90 -9.39
CA GLY A 182 -21.11 4.34 -9.07
C GLY A 182 -21.39 4.61 -7.62
N ASN A 183 -21.71 3.64 -6.86
CA ASN A 183 -21.99 3.76 -5.42
C ASN A 183 -20.73 3.47 -4.53
N GLU A 184 -19.55 3.42 -5.16
CA GLU A 184 -18.32 3.15 -4.44
C GLU A 184 -17.42 4.37 -4.46
N LEU A 185 -16.66 4.54 -3.37
CA LEU A 185 -15.45 5.36 -3.38
C LEU A 185 -14.28 4.41 -3.63
N VAL A 186 -13.51 4.67 -4.63
CA VAL A 186 -12.36 3.77 -4.91
C VAL A 186 -11.09 4.51 -4.50
N SER A 187 -10.35 3.95 -3.55
CA SER A 187 -9.01 4.49 -3.25
C SER A 187 -7.90 3.83 -4.01
N TYR A 188 -6.95 4.61 -4.49
CA TYR A 188 -5.83 4.10 -5.27
C TYR A 188 -4.57 4.75 -4.69
N MET A 189 -3.67 3.95 -4.09
CA MET A 189 -2.45 4.50 -3.51
C MET A 189 -1.33 3.52 -3.90
N SER A 190 -0.53 3.96 -4.85
CA SER A 190 0.50 3.11 -5.42
C SER A 190 1.65 3.93 -5.91
N GLY A 191 2.79 3.30 -6.07
CA GLY A 191 4.00 3.93 -6.63
C GLY A 191 5.19 3.71 -5.76
N THR A 192 5.03 3.61 -4.45
CA THR A 192 6.16 3.42 -3.58
C THR A 192 7.00 2.23 -4.00
N ASN A 193 6.39 1.14 -4.40
CA ASN A 193 7.17 -0.08 -4.78
C ASN A 193 7.80 0.10 -6.13
N ASN A 194 7.27 0.90 -7.01
CA ASN A 194 7.99 1.16 -8.29
C ASN A 194 9.33 1.82 -7.89
N LEU A 195 9.40 2.67 -6.88
CA LEU A 195 10.68 3.21 -6.41
C LEU A 195 11.44 2.09 -5.73
N TRP A 196 10.81 1.38 -4.77
CA TRP A 196 11.49 0.36 -3.98
C TRP A 196 12.25 -0.62 -4.85
N PHE A 197 11.61 -1.18 -5.86
CA PHE A 197 12.27 -2.19 -6.66
C PHE A 197 13.18 -1.58 -7.66
N THR A 198 13.13 -0.32 -7.95
CA THR A 198 14.15 0.41 -8.67
C THR A 198 15.42 0.54 -7.86
N LEU A 199 15.35 0.75 -6.57
CA LEU A 199 16.49 0.84 -5.70
C LEU A 199 17.08 -0.47 -5.34
N PHE A 200 16.24 -1.44 -5.02
CA PHE A 200 16.65 -2.68 -4.29
C PHE A 200 16.24 -3.88 -5.01
N GLY A 201 15.73 -3.77 -6.24
CA GLY A 201 15.35 -4.88 -7.08
C GLY A 201 16.10 -4.68 -8.44
N ASP A 202 15.45 -5.05 -9.45
CA ASP A 202 15.99 -5.22 -10.79
C ASP A 202 15.40 -4.23 -11.76
N LEU A 203 14.63 -3.30 -11.27
CA LEU A 203 14.00 -2.26 -12.06
C LEU A 203 14.75 -1.07 -12.27
N ASP A 204 14.38 -0.32 -13.35
CA ASP A 204 15.00 0.95 -13.59
C ASP A 204 13.75 1.75 -14.09
N GLN A 205 12.86 2.19 -13.20
CA GLN A 205 11.81 3.12 -13.64
C GLN A 205 12.08 4.54 -13.21
N THR A 206 11.85 5.55 -14.05
CA THR A 206 11.80 6.92 -13.61
C THR A 206 10.44 7.20 -12.85
N GLY A 207 10.42 8.26 -12.10
CA GLY A 207 9.16 8.60 -11.48
C GLY A 207 8.03 8.84 -12.43
N ASN A 208 8.31 9.50 -13.51
CA ASN A 208 7.19 9.81 -14.39
C ASN A 208 6.83 8.53 -15.19
N LYS A 209 7.67 7.54 -15.44
CA LYS A 209 7.27 6.29 -15.97
C LYS A 209 6.32 5.57 -15.00
N ALA A 210 6.74 5.54 -13.73
CA ALA A 210 5.93 4.88 -12.71
C ALA A 210 4.55 5.58 -12.60
N ALA A 211 4.54 6.88 -12.67
CA ALA A 211 3.31 7.62 -12.63
C ALA A 211 2.40 7.27 -13.78
N GLY A 212 3.00 7.06 -14.96
CA GLY A 212 2.18 6.68 -16.06
C GLY A 212 1.45 5.38 -15.84
N PHE A 213 2.12 4.46 -15.17
CA PHE A 213 1.44 3.21 -14.85
C PHE A 213 0.23 3.44 -13.91
N ALA A 214 0.38 4.34 -12.93
CA ALA A 214 -0.70 4.70 -12.03
C ALA A 214 -1.84 5.36 -12.81
N LEU A 215 -1.49 6.28 -13.71
CA LEU A 215 -2.52 6.96 -14.52
C LEU A 215 -3.26 5.94 -15.42
N THR A 216 -2.54 4.97 -15.97
CA THR A 216 -3.24 3.93 -16.74
C THR A 216 -4.21 3.14 -15.92
N ASP A 217 -3.75 2.78 -14.71
CA ASP A 217 -4.61 2.04 -13.81
C ASP A 217 -5.90 2.83 -13.43
N ILE A 218 -5.64 4.14 -13.12
CA ILE A 218 -6.80 5.00 -12.69
C ILE A 218 -7.78 5.20 -13.89
N GLU A 219 -7.24 5.31 -15.09
CA GLU A 219 -8.11 5.32 -16.26
C GLU A 219 -8.86 4.04 -16.39
N THR A 220 -8.28 2.88 -16.09
CA THR A 220 -9.08 1.63 -16.05
C THR A 220 -10.20 1.70 -15.12
N LEU A 221 -9.99 2.30 -13.92
CA LEU A 221 -11.09 2.46 -12.99
C LEU A 221 -12.23 3.30 -13.58
N ILE A 222 -11.91 4.40 -14.20
CA ILE A 222 -12.95 5.23 -14.79
C ILE A 222 -13.65 4.49 -15.91
N ASP A 223 -12.90 3.81 -16.72
CA ASP A 223 -13.55 3.06 -17.87
C ASP A 223 -14.36 1.93 -17.37
N ALA A 224 -14.14 1.42 -16.17
CA ALA A 224 -14.89 0.41 -15.56
C ALA A 224 -16.09 0.93 -14.71
N GLY A 225 -16.37 2.27 -14.83
CA GLY A 225 -17.54 2.76 -14.12
C GLY A 225 -17.31 3.50 -12.77
N ALA A 226 -16.03 3.59 -12.35
CA ALA A 226 -15.87 4.29 -11.03
C ALA A 226 -16.25 5.79 -11.11
N LYS A 227 -17.04 6.26 -10.17
CA LYS A 227 -17.47 7.65 -10.23
C LYS A 227 -16.91 8.48 -9.15
N GLN A 228 -16.25 7.90 -8.19
CA GLN A 228 -15.60 8.65 -7.07
C GLN A 228 -14.26 7.93 -6.87
N VAL A 229 -13.19 8.63 -7.00
CA VAL A 229 -11.83 8.08 -6.94
C VAL A 229 -10.99 8.92 -6.03
N LEU A 230 -10.42 8.29 -5.02
CA LEU A 230 -9.49 8.97 -4.06
C LEU A 230 -8.11 8.46 -4.42
N ALA A 231 -7.36 9.27 -5.13
CA ALA A 231 -6.05 8.93 -5.67
C ALA A 231 -4.99 9.59 -4.87
N ALA A 232 -4.03 8.86 -4.35
CA ALA A 232 -2.97 9.39 -3.53
C ALA A 232 -1.66 9.43 -4.32
N ASN A 233 -0.82 10.42 -4.00
CA ASN A 233 0.54 10.44 -4.46
C ASN A 233 1.45 9.68 -3.52
N ILE A 234 2.74 9.67 -3.83
CA ILE A 234 3.70 8.99 -2.99
C ILE A 234 4.07 9.89 -1.84
N PRO A 235 4.02 9.42 -0.58
CA PRO A 235 4.49 10.22 0.55
C PRO A 235 5.85 10.74 0.45
N ASP A 236 6.10 11.78 1.31
CA ASP A 236 7.50 12.34 1.38
C ASP A 236 8.33 11.41 2.24
N PHE A 237 8.99 10.44 1.61
CA PHE A 237 9.82 9.45 2.28
C PHE A 237 11.29 9.89 2.31
N VAL A 238 11.59 11.16 2.24
CA VAL A 238 13.00 11.63 2.35
C VAL A 238 13.69 11.13 3.60
N ASP A 239 13.02 11.02 4.68
CA ASP A 239 13.62 10.59 5.94
C ASP A 239 13.41 9.12 6.26
N ALA A 240 12.79 8.35 5.37
CA ALA A 240 12.59 6.93 5.67
C ALA A 240 13.94 6.23 5.94
N PRO A 241 14.06 5.54 7.07
CA PRO A 241 15.40 4.93 7.36
C PRO A 241 15.85 3.98 6.33
N TRP A 242 14.99 3.19 5.68
CA TRP A 242 15.40 2.25 4.65
C TRP A 242 15.88 2.95 3.40
N PHE A 243 15.64 4.25 3.26
CA PHE A 243 16.08 4.99 2.10
C PHE A 243 17.33 5.82 2.42
N ALA A 244 17.91 5.59 3.57
CA ALA A 244 19.17 6.33 3.87
C ALA A 244 20.24 5.97 2.85
N GLY A 245 20.89 7.02 2.41
CA GLY A 245 21.93 6.98 1.37
C GLY A 245 21.37 6.89 -0.04
N GLN A 246 20.03 6.89 -0.20
CA GLN A 246 19.38 6.83 -1.54
C GLN A 246 18.72 8.19 -1.80
N GLN A 247 18.97 9.25 -1.01
CA GLN A 247 18.16 10.49 -1.05
C GLN A 247 18.09 11.17 -2.37
N LYS A 248 19.16 11.30 -3.07
CA LYS A 248 19.03 11.95 -4.38
C LYS A 248 18.13 11.21 -5.33
N LYS A 249 18.24 9.88 -5.41
CA LYS A 249 17.44 9.12 -6.27
C LYS A 249 15.94 9.12 -5.81
N THR A 250 15.70 9.01 -4.54
CA THR A 250 14.33 8.96 -4.01
C THR A 250 13.72 10.31 -4.24
N THR A 251 14.41 11.42 -3.98
CA THR A 251 13.84 12.69 -4.08
C THR A 251 13.44 12.97 -5.52
N ARG A 252 14.31 12.69 -6.48
CA ARG A 252 13.97 12.93 -7.86
C ARG A 252 12.82 12.05 -8.32
N PHE A 253 12.81 10.78 -7.94
CA PHE A 253 11.72 9.90 -8.30
C PHE A 253 10.37 10.41 -7.79
N ILE A 254 10.32 10.69 -6.50
CA ILE A 254 9.05 11.05 -5.85
C ILE A 254 8.57 12.38 -6.45
N GLN A 255 9.47 13.35 -6.65
CA GLN A 255 9.01 14.66 -7.15
C GLN A 255 8.45 14.49 -8.59
N SER A 256 9.17 13.76 -9.45
CA SER A 256 8.74 13.56 -10.84
C SER A 256 7.46 12.72 -10.93
N HIS A 257 7.40 11.66 -10.12
CA HIS A 257 6.21 10.84 -10.06
C HIS A 257 4.98 11.70 -9.68
N ASN A 258 5.15 12.48 -8.60
CA ASN A 258 3.95 13.18 -8.08
C ASN A 258 3.54 14.37 -8.99
N GLN A 259 4.53 14.99 -9.65
CA GLN A 259 4.15 16.06 -10.60
C GLN A 259 3.41 15.46 -11.78
N ALA A 260 3.88 14.32 -12.30
CA ALA A 260 3.25 13.68 -13.43
C ALA A 260 1.84 13.18 -13.05
N LEU A 261 1.72 12.54 -11.88
CA LEU A 261 0.45 12.02 -11.46
C LEU A 261 -0.57 13.18 -11.32
N LYS A 262 -0.16 14.26 -10.65
CA LYS A 262 -1.09 15.36 -10.47
C LYS A 262 -1.61 15.91 -11.83
N ALA A 263 -0.64 16.12 -12.73
CA ALA A 263 -1.04 16.70 -14.03
C ALA A 263 -1.92 15.72 -14.78
N GLY A 264 -1.59 14.43 -14.75
CA GLY A 264 -2.39 13.46 -15.39
C GLY A 264 -3.79 13.33 -14.83
N LEU A 265 -3.95 13.49 -13.54
CA LEU A 265 -5.24 13.46 -12.90
C LEU A 265 -6.02 14.69 -13.17
N ASP A 266 -5.35 15.83 -13.23
CA ASP A 266 -6.07 17.06 -13.66
C ASP A 266 -6.67 16.82 -15.04
N GLN A 267 -5.93 16.23 -15.95
CA GLN A 267 -6.41 15.94 -17.28
C GLN A 267 -7.53 14.95 -17.32
N LEU A 268 -7.44 13.85 -16.52
CA LEU A 268 -8.51 12.93 -16.45
C LEU A 268 -9.75 13.60 -15.88
N ALA A 269 -9.62 14.44 -14.83
CA ALA A 269 -10.79 15.12 -14.25
C ALA A 269 -11.46 16.01 -15.28
N ALA A 270 -10.69 16.71 -16.10
CA ALA A 270 -11.29 17.60 -17.14
C ALA A 270 -12.01 16.76 -18.13
N ALA A 271 -11.54 15.61 -18.50
CA ALA A 271 -12.14 14.73 -19.50
C ALA A 271 -13.27 13.92 -19.01
N HIS A 272 -13.48 13.78 -17.73
CA HIS A 272 -14.50 12.97 -17.14
C HIS A 272 -15.18 13.71 -16.05
N PRO A 273 -16.01 14.76 -16.41
CA PRO A 273 -16.69 15.57 -15.43
C PRO A 273 -17.70 14.86 -14.51
N ASP A 274 -18.18 13.70 -14.91
CA ASP A 274 -19.05 12.86 -14.10
C ASP A 274 -18.33 12.07 -13.02
N VAL A 275 -17.00 12.10 -13.00
CA VAL A 275 -16.22 11.43 -11.99
C VAL A 275 -15.70 12.45 -10.99
N GLU A 276 -15.86 12.19 -9.72
N GLU A 276 -15.83 12.16 -9.71
CA GLU A 276 -15.25 13.04 -8.64
CA GLU A 276 -15.24 13.03 -8.65
C GLU A 276 -13.85 12.40 -8.37
C GLU A 276 -13.89 12.43 -8.24
N ILE A 277 -12.81 13.13 -8.64
CA ILE A 277 -11.44 12.69 -8.34
C ILE A 277 -10.91 13.54 -7.19
N TYR A 278 -10.57 12.91 -6.10
CA TYR A 278 -9.98 13.58 -4.91
C TYR A 278 -8.52 13.28 -4.92
N TYR A 279 -7.65 14.26 -4.88
CA TYR A 279 -6.19 14.07 -4.89
C TYR A 279 -5.66 14.18 -3.52
N PHE A 280 -5.33 13.01 -2.93
CA PHE A 280 -4.79 12.93 -1.59
C PHE A 280 -3.31 13.17 -1.71
N ASP A 281 -2.90 14.35 -1.29
CA ASP A 281 -1.50 14.83 -1.33
C ASP A 281 -0.79 14.35 -0.09
N ALA A 282 -0.57 13.05 -0.09
CA ALA A 282 0.15 12.39 0.99
C ALA A 282 1.54 12.97 1.16
N PHE A 283 2.18 13.29 0.04
CA PHE A 283 3.49 13.94 0.09
C PHE A 283 3.42 15.17 0.99
N ASP A 284 2.53 16.11 0.68
CA ASP A 284 2.53 17.35 1.46
C ASP A 284 2.15 17.09 2.91
N LEU A 285 1.31 16.10 3.19
CA LEU A 285 0.95 15.82 4.56
C LEU A 285 2.15 15.31 5.33
N PHE A 286 2.89 14.39 4.78
CA PHE A 286 4.11 13.91 5.42
C PHE A 286 5.09 15.07 5.58
N ASN A 287 5.25 15.87 4.58
CA ASN A 287 6.16 17.01 4.63
C ASN A 287 5.75 17.99 5.71
N LYS A 288 4.50 18.34 5.81
CA LYS A 288 4.00 19.29 6.79
C LYS A 288 4.25 18.71 8.16
N VAL A 289 3.83 17.51 8.46
CA VAL A 289 4.03 16.86 9.74
C VAL A 289 5.47 16.86 10.10
N SER A 290 6.35 16.46 9.19
CA SER A 290 7.76 16.40 9.47
C SER A 290 8.33 17.77 9.72
N ASN A 291 7.92 18.79 9.00
CA ASN A 291 8.49 20.12 9.23
C ASN A 291 8.03 20.65 10.52
N GLU A 292 6.85 20.37 11.04
CA GLU A 292 6.44 20.76 12.33
C GLU A 292 7.23 20.07 13.37
N VAL A 293 7.56 18.80 13.27
CA VAL A 293 8.39 18.14 14.28
C VAL A 293 9.79 18.69 14.19
N LYS A 294 10.34 18.93 13.05
CA LYS A 294 11.73 19.43 12.92
C LYS A 294 11.86 20.81 13.52
N THR A 295 10.93 21.67 13.33
CA THR A 295 11.04 23.13 13.68
C THR A 295 10.44 23.39 14.99
N LYS A 296 9.43 22.69 15.44
CA LYS A 296 8.73 23.00 16.69
C LYS A 296 8.82 21.92 17.70
N GLY A 297 9.37 20.76 17.34
CA GLY A 297 9.52 19.69 18.24
C GLY A 297 8.42 18.66 18.25
N LYS A 298 7.28 18.96 17.68
CA LYS A 298 6.10 18.08 17.75
C LYS A 298 5.16 18.49 16.65
N TYR A 299 4.37 17.45 16.29
CA TYR A 299 3.12 17.63 15.47
C TYR A 299 2.04 17.05 16.32
N GLN A 300 1.03 17.87 16.68
CA GLN A 300 0.00 17.43 17.56
C GLN A 300 -1.34 17.66 16.94
N ASP A 301 -2.21 16.66 17.11
CA ASP A 301 -3.60 16.78 16.71
C ASP A 301 -4.41 16.26 17.87
N LYS A 302 -5.01 17.23 18.67
CA LYS A 302 -5.73 16.76 19.87
C LYS A 302 -7.07 16.14 19.61
N GLU A 303 -7.65 16.44 18.40
CA GLU A 303 -8.90 15.79 17.98
C GLU A 303 -8.60 14.29 17.81
N LEU A 304 -7.42 13.95 17.27
CA LEU A 304 -7.04 12.56 17.08
C LEU A 304 -6.31 11.94 18.28
N ALA A 305 -5.99 12.79 19.26
CA ALA A 305 -5.13 12.34 20.45
C ALA A 305 -3.79 11.80 20.08
N ILE A 306 -3.17 12.58 19.15
CA ILE A 306 -1.83 12.18 18.67
C ILE A 306 -0.85 13.29 18.88
N THR A 307 0.37 12.95 19.24
CA THR A 307 1.49 13.82 19.24
C THR A 307 2.69 13.04 18.68
N LEU A 308 3.24 13.49 17.58
CA LEU A 308 4.48 12.92 17.04
C LEU A 308 5.62 13.80 17.41
N THR A 309 6.70 13.17 17.85
CA THR A 309 7.91 13.90 18.23
C THR A 309 9.14 13.34 17.58
N ASN A 310 9.01 12.36 16.62
CA ASN A 310 10.11 11.75 15.92
C ASN A 310 9.69 11.41 14.51
N VAL A 311 10.40 11.96 13.55
CA VAL A 311 10.12 11.67 12.10
C VAL A 311 11.31 11.09 11.34
N THR A 312 12.36 10.66 12.06
CA THR A 312 13.54 10.16 11.46
C THR A 312 13.96 8.79 11.88
N GLY A 313 13.39 8.23 12.95
CA GLY A 313 13.85 6.92 13.48
C GLY A 313 12.76 5.86 13.39
N GLU A 314 13.14 4.62 13.50
CA GLU A 314 12.27 3.49 13.50
C GLU A 314 11.67 3.30 14.88
N ALA A 315 10.42 3.03 15.03
CA ALA A 315 9.89 2.58 16.30
C ALA A 315 10.20 1.11 16.57
N TYR A 316 10.32 0.32 15.52
CA TYR A 316 10.63 -1.11 15.54
C TYR A 316 11.82 -1.30 14.65
N SER A 317 12.88 -1.83 15.27
CA SER A 317 14.10 -2.25 14.48
C SER A 317 14.18 -3.77 14.16
N TYR A 318 14.11 -4.02 12.88
CA TYR A 318 14.29 -5.41 12.31
C TYR A 318 15.81 -5.86 12.54
N ALA A 319 16.69 -5.22 13.37
CA ALA A 319 18.04 -5.80 13.83
C ALA A 319 18.15 -6.23 15.30
N THR A 320 17.57 -5.46 16.24
CA THR A 320 17.59 -5.80 17.59
C THR A 320 16.31 -6.42 18.07
N GLY A 321 15.23 -6.36 17.24
CA GLY A 321 13.93 -6.70 17.69
C GLY A 321 13.47 -5.54 18.63
N LYS A 322 14.19 -4.44 18.66
CA LYS A 322 13.87 -3.31 19.70
C LYS A 322 12.51 -2.75 19.21
N VAL A 323 11.52 -2.66 20.08
CA VAL A 323 10.27 -1.80 19.84
C VAL A 323 10.30 -0.80 20.99
N ILE A 324 10.36 0.46 20.64
CA ILE A 324 10.44 1.52 21.64
C ILE A 324 9.23 1.58 22.46
N ALA A 325 9.34 2.30 23.62
CA ALA A 325 8.28 2.36 24.51
C ALA A 325 6.85 2.92 24.14
N GLN A 326 7.02 3.94 23.38
CA GLN A 326 5.81 4.62 22.89
C GLN A 326 5.93 4.86 21.38
N PRO A 327 5.66 3.77 20.63
CA PRO A 327 5.83 3.85 19.18
C PRO A 327 5.03 4.92 18.45
N ASN A 328 3.89 5.30 19.00
CA ASN A 328 3.02 6.27 18.35
C ASN A 328 3.47 7.68 18.54
N ARG A 329 4.62 7.92 19.12
N ARG A 329 4.64 7.92 19.13
CA ARG A 329 5.31 9.20 18.98
CA ARG A 329 5.35 9.19 18.97
C ARG A 329 6.10 9.38 17.68
C ARG A 329 6.10 9.36 17.66
N ASN A 330 6.18 8.25 16.90
CA ASN A 330 6.96 8.24 15.67
C ASN A 330 6.10 8.28 14.45
N LEU A 331 6.58 8.93 13.41
CA LEU A 331 6.03 8.77 12.05
C LEU A 331 6.28 7.34 11.54
N PHE A 332 7.50 6.90 11.62
CA PHE A 332 7.89 5.59 11.06
C PHE A 332 7.80 4.48 12.07
N TRP A 333 7.05 3.45 11.71
CA TRP A 333 7.00 2.18 12.44
C TRP A 333 8.29 1.40 12.27
N ASP A 334 8.59 1.07 11.04
CA ASP A 334 9.88 0.40 10.72
C ASP A 334 10.72 1.36 9.88
N GLY A 335 11.51 0.88 8.91
CA GLY A 335 12.23 1.76 8.03
C GLY A 335 11.54 2.46 6.92
N LEU A 336 10.24 2.21 6.80
CA LEU A 336 9.44 2.86 5.75
C LEU A 336 8.00 3.05 6.13
N HIS A 337 7.35 1.97 6.62
CA HIS A 337 5.94 2.03 6.86
C HIS A 337 5.57 2.92 8.05
N PRO A 338 4.49 3.66 7.97
CA PRO A 338 4.06 4.52 9.06
C PRO A 338 3.47 3.75 10.22
N THR A 339 3.57 4.39 11.43
CA THR A 339 2.87 3.94 12.59
C THR A 339 1.35 4.11 12.39
N THR A 340 0.59 3.49 13.28
CA THR A 340 -0.85 3.56 13.20
C THR A 340 -1.32 4.97 13.49
N ALA A 341 -0.58 5.71 14.35
CA ALA A 341 -0.90 7.15 14.56
C ALA A 341 -0.78 7.88 13.24
N MET A 342 0.31 7.71 12.54
CA MET A 342 0.47 8.41 11.22
C MET A 342 -0.56 7.90 10.21
N HIS A 343 -0.95 6.64 10.23
CA HIS A 343 -2.08 6.20 9.45
C HIS A 343 -3.36 6.91 9.76
N LYS A 344 -3.61 7.21 11.03
N LYS A 344 -3.61 7.20 11.03
CA LYS A 344 -4.81 7.94 11.40
CA LYS A 344 -4.80 7.94 11.43
C LYS A 344 -4.77 9.37 10.83
C LYS A 344 -4.77 9.37 10.86
N ILE A 345 -3.59 10.00 10.94
CA ILE A 345 -3.35 11.30 10.34
C ILE A 345 -3.65 11.32 8.86
N MET A 346 -3.16 10.28 8.16
CA MET A 346 -3.40 10.14 6.73
C MET A 346 -4.92 10.02 6.45
N ALA A 347 -5.57 9.16 7.17
CA ALA A 347 -7.01 8.96 7.00
C ALA A 347 -7.77 10.22 7.23
N LYS A 348 -7.43 10.99 8.27
CA LYS A 348 -8.19 12.24 8.52
C LYS A 348 -8.02 13.19 7.37
N GLU A 349 -6.82 13.32 6.81
CA GLU A 349 -6.63 14.18 5.67
C GLU A 349 -7.43 13.72 4.49
N ALA A 350 -7.33 12.45 4.15
CA ALA A 350 -8.06 11.92 2.97
C ALA A 350 -9.57 12.04 3.14
N ALA A 351 -10.06 11.73 4.32
CA ALA A 351 -11.49 11.90 4.59
C ALA A 351 -11.89 13.29 4.47
N SER A 352 -11.05 14.23 4.91
N SER A 352 -11.08 14.25 4.91
CA SER A 352 -11.39 15.66 4.89
CA SER A 352 -11.47 15.67 4.88
C SER A 352 -11.72 16.07 3.47
C SER A 352 -11.63 16.24 3.46
N LEU A 353 -10.91 15.62 2.52
CA LEU A 353 -11.09 15.98 1.11
C LEU A 353 -12.40 15.53 0.63
N VAL A 354 -12.83 14.33 0.91
CA VAL A 354 -14.08 13.78 0.46
C VAL A 354 -15.24 14.53 1.13
N ILE A 355 -15.21 14.73 2.41
CA ILE A 355 -16.25 15.42 3.17
C ILE A 355 -16.38 16.82 2.60
N SER A 356 -15.35 17.51 2.24
CA SER A 356 -15.40 18.91 1.81
C SER A 356 -15.61 18.91 0.26
N GLY A 357 -15.84 17.80 -0.39
CA GLY A 357 -16.03 17.85 -1.90
C GLY A 357 -14.91 18.44 -2.65
N ARG A 358 -13.64 18.28 -2.17
CA ARG A 358 -12.50 18.95 -2.71
C ARG A 358 -11.96 18.13 -3.85
N THR A 359 -12.53 18.26 -4.97
CA THR A 359 -12.20 17.50 -6.17
C THR A 359 -11.34 18.23 -7.12
N LEU A 360 -10.69 17.54 -8.04
CA LEU A 360 -10.07 18.11 -9.18
C LEU A 360 -11.16 18.53 -10.23
C1 PEG B . -15.78 1.49 9.64
O1 PEG B . -15.13 1.40 10.92
C2 PEG B . -17.25 1.54 9.90
O2 PEG B . -17.59 2.88 9.90
C3 PEG B . -18.98 3.08 10.33
C4 PEG B . -19.15 4.23 11.35
O4 PEG B . -17.96 5.04 11.59
CL CL C . -14.65 -4.17 -4.20
AS CAC D . 8.51 -4.22 0.34
O1 CAC D . 6.78 -4.34 0.51
O2 CAC D . 9.22 -5.59 1.24
C1 CAC D . 8.75 -4.68 -1.56
C2 CAC D . 9.34 -2.77 1.53
AS CAC E . -2.49 -32.18 -7.78
O1 CAC E . -3.27 -31.19 -6.69
O2 CAC E . -3.39 -33.51 -8.47
C1 CAC E . -1.85 -31.21 -9.43
C2 CAC E . -1.04 -33.00 -6.73
CA CA F . 7.44 -2.34 0.72
C1 EDO G . 21.31 9.15 -4.20
O1 EDO G . 20.67 7.99 -4.70
C2 EDO G . 21.95 9.18 -2.79
O2 EDO G . 21.82 10.46 -2.08
P PO4 H . 4.86 -1.44 0.95
O1 PO4 H . 5.14 0.08 0.65
O3 PO4 H . 6.01 -2.22 1.71
O4 PO4 H . 4.21 -2.33 -0.21
P PO4 I . -0.70 6.05 22.48
O1 PO4 I . 0.84 6.23 22.77
O2 PO4 I . -1.49 5.98 23.85
O3 PO4 I . -0.90 4.84 21.59
O4 PO4 I . -1.03 7.38 21.81
#